data_4OJF
#
_entry.id   4OJF
#
_cell.length_a   60.162
_cell.length_b   83.430
_cell.length_c   88.248
_cell.angle_alpha   90.000
_cell.angle_beta   90.000
_cell.angle_gamma   90.000
#
_symmetry.space_group_name_H-M   'P 21 2 21'
#
loop_
_entity.id
_entity.type
_entity.pdbx_description
1 polymer 'Humanised 3D6 Fab Heavy Chain'
2 polymer 'Humanised 3D6 Fab Light Chain'
3 polymer 'Amyloid beta A4 protein'
4 water water
#
loop_
_entity_poly.entity_id
_entity_poly.type
_entity_poly.pdbx_seq_one_letter_code
_entity_poly.pdbx_strand_id
1 'polypeptide(L)'
;VQLLESGGGLVQPGGSLRLSCAASGFTFSNYGMSWVRQAPGKGLEWVASIRSGGGRTYYSDNVKGRFTISRDNAKNSLYL
QMNSLRAEDTALYYCVRYDHYSGSSDYWGQGTLVTVSSASTKGPSVFPLAPSSKSTSGGTAALGCLVKDYFPQPVTVSWN
SGALTSGVHTFPAVLQSSGLYSLSSVVTVPSSSLGTQTYICNVNHKPSNTKVDKKVEPKSCHHHHHH
;
H
2 'polypeptide(L)'
;YVVMTQSPLSLPVTPGEPASISCKSSQSLLDSDGKTYLNWLLQKPGQSPQRLIYLVSKLDSGVPDRFSGSGSGTDFTLKI
SRVEAEDVGVYYCWQGTHFPRTFGQGTKVEIKRTVAAPSVFIFPPSDEQLKSGTASVVCLLNNFYPREAKVQWKVDNALQ
SGNSQESVTEQDSKDSTYSLSSTLTLSKADYEKHKVYACEVTHQGLSSPVTKSFNRGEC
;
L
3 'polypeptide(L)' DAEFRHDS A
#
# COMPACT_ATOMS: atom_id res chain seq x y z
N VAL A 1 15.03 -15.47 6.77
CA VAL A 1 15.65 -14.39 5.96
C VAL A 1 14.90 -13.09 6.15
N GLN A 2 15.62 -12.07 6.58
CA GLN A 2 15.04 -10.75 6.83
C GLN A 2 15.90 -9.63 6.23
N LEU A 3 15.26 -8.68 5.55
CA LEU A 3 15.90 -7.50 4.97
C LEU A 3 15.13 -6.29 5.48
N LEU A 4 15.81 -5.38 6.15
CA LEU A 4 15.14 -4.24 6.79
C LEU A 4 15.75 -2.93 6.34
N GLU A 5 15.02 -2.17 5.54
CA GLU A 5 15.58 -0.95 4.97
C GLU A 5 15.28 0.24 5.88
N SER A 6 16.14 1.26 5.81
CA SER A 6 15.90 2.52 6.53
C SER A 6 16.62 3.65 5.79
N GLY A 7 16.37 4.88 6.23
CA GLY A 7 17.05 6.04 5.70
C GLY A 7 16.20 6.91 4.78
N GLY A 8 15.04 6.41 4.38
CA GLY A 8 14.18 7.17 3.49
C GLY A 8 13.64 8.42 4.16
N GLY A 9 13.26 9.40 3.35
CA GLY A 9 12.70 10.62 3.86
C GLY A 9 12.56 11.67 2.77
N LEU A 10 12.38 12.91 3.18
CA LEU A 10 12.16 14.01 2.27
C LEU A 10 13.48 14.68 1.95
N VAL A 11 13.71 14.94 0.67
CA VAL A 11 14.94 15.56 0.23
C VAL A 11 14.60 16.59 -0.84
N GLN A 12 15.29 17.72 -0.80
CA GLN A 12 15.17 18.77 -1.80
C GLN A 12 15.70 18.29 -3.17
N PRO A 13 15.08 18.73 -4.27
CA PRO A 13 15.67 18.37 -5.56
C PRO A 13 17.14 18.81 -5.59
N GLY A 14 17.99 17.94 -6.09
CA GLY A 14 19.42 18.19 -6.11
C GLY A 14 20.13 17.74 -4.86
N GLY A 15 19.39 17.33 -3.83
CA GLY A 15 19.99 16.90 -2.58
C GLY A 15 20.50 15.47 -2.60
N SER A 16 20.97 15.00 -1.44
CA SER A 16 21.52 13.66 -1.28
C SER A 16 20.87 12.91 -0.14
N LEU A 17 20.87 11.59 -0.20
CA LEU A 17 20.34 10.74 0.87
C LEU A 17 21.08 9.40 0.85
N ARG A 18 21.26 8.77 2.01
CA ARG A 18 21.85 7.44 2.07
C ARG A 18 20.88 6.40 2.64
N LEU A 19 20.57 5.38 1.85
CA LEU A 19 19.71 4.30 2.34
C LEU A 19 20.57 3.15 2.85
N SER A 20 20.06 2.46 3.87
CA SER A 20 20.70 1.29 4.43
C SER A 20 19.73 0.11 4.39
N CYS A 21 20.27 -1.10 4.32
CA CYS A 21 19.45 -2.31 4.45
C CYS A 21 20.21 -3.27 5.35
N ALA A 22 19.61 -3.66 6.45
CA ALA A 22 20.22 -4.62 7.36
C ALA A 22 19.65 -6.01 7.08
N ALA A 23 20.56 -6.94 6.84
CA ALA A 23 20.18 -8.31 6.49
C ALA A 23 20.42 -9.24 7.66
N SER A 24 19.62 -10.29 7.77
CA SER A 24 19.85 -11.32 8.76
C SER A 24 19.16 -12.59 8.33
N GLY A 25 19.55 -13.71 8.94
CA GLY A 25 18.92 -14.99 8.66
C GLY A 25 19.61 -15.76 7.54
N PHE A 26 20.67 -15.19 6.97
CA PHE A 26 21.45 -15.88 5.96
C PHE A 26 22.87 -15.36 5.96
N THR A 27 23.76 -16.05 5.26
CA THR A 27 25.15 -15.60 5.17
C THR A 27 25.24 -14.52 4.10
N PHE A 28 25.06 -13.27 4.54
CA PHE A 28 24.99 -12.10 3.65
C PHE A 28 26.10 -12.03 2.59
N SER A 29 27.34 -12.34 2.97
CA SER A 29 28.47 -12.13 2.07
C SER A 29 28.47 -13.11 0.91
N ASN A 30 27.65 -14.14 0.98
CA ASN A 30 27.54 -15.09 -0.11
C ASN A 30 26.57 -14.70 -1.21
N TYR A 31 25.81 -13.62 -1.01
CA TYR A 31 24.74 -13.24 -1.94
C TYR A 31 24.94 -11.91 -2.66
N GLY A 32 24.66 -11.91 -3.96
CA GLY A 32 24.39 -10.67 -4.65
C GLY A 32 23.11 -10.01 -4.14
N MET A 33 23.07 -8.69 -4.21
CA MET A 33 21.95 -7.89 -3.74
C MET A 33 21.61 -6.79 -4.76
N SER A 34 20.37 -6.33 -4.72
CA SER A 34 20.00 -5.19 -5.56
C SER A 34 19.00 -4.30 -4.83
N TRP A 35 18.84 -3.09 -5.38
CA TRP A 35 17.77 -2.20 -5.01
C TRP A 35 16.78 -2.13 -6.17
N VAL A 36 15.49 -2.15 -5.84
CA VAL A 36 14.43 -2.04 -6.82
C VAL A 36 13.44 -1.04 -6.25
N ARG A 37 12.90 -0.16 -7.11
CA ARG A 37 12.01 0.89 -6.59
C ARG A 37 10.62 0.83 -7.21
N GLN A 38 9.67 1.38 -6.47
CA GLN A 38 8.28 1.37 -6.85
C GLN A 38 7.68 2.76 -6.58
N ALA A 39 7.39 3.51 -7.62
CA ALA A 39 6.76 4.81 -7.43
C ALA A 39 5.34 4.56 -7.00
N PRO A 40 4.79 5.41 -6.11
CA PRO A 40 3.45 5.17 -5.54
C PRO A 40 2.42 4.85 -6.60
N GLY A 41 1.65 3.78 -6.37
CA GLY A 41 0.65 3.30 -7.31
C GLY A 41 1.17 2.74 -8.63
N LYS A 42 2.50 2.61 -8.76
CA LYS A 42 3.10 2.21 -10.04
C LYS A 42 3.82 0.87 -9.96
N GLY A 43 4.58 0.55 -11.00
CA GLY A 43 5.23 -0.75 -11.10
C GLY A 43 6.60 -0.79 -10.47
N LEU A 44 7.36 -1.81 -10.86
CA LEU A 44 8.66 -2.09 -10.28
C LEU A 44 9.77 -1.74 -11.27
N GLU A 45 10.79 -1.03 -10.79
CA GLU A 45 11.91 -0.67 -11.64
C GLU A 45 13.24 -0.94 -10.93
N TRP A 46 14.07 -1.75 -11.58
CA TRP A 46 15.40 -2.05 -11.06
C TRP A 46 16.28 -0.79 -11.00
N VAL A 47 17.01 -0.64 -9.91
CA VAL A 47 17.87 0.53 -9.69
C VAL A 47 19.38 0.21 -9.79
N ALA A 48 19.84 -0.75 -8.99
CA ALA A 48 21.26 -1.04 -8.89
C ALA A 48 21.51 -2.43 -8.29
N SER A 49 22.66 -3.02 -8.62
CA SER A 49 23.02 -4.34 -8.15
C SER A 49 24.50 -4.35 -7.77
N ILE A 50 24.83 -5.23 -6.83
CA ILE A 50 26.22 -5.48 -6.41
C ILE A 50 26.43 -6.99 -6.19
N ARG A 51 27.51 -7.48 -6.76
CA ARG A 51 27.84 -8.89 -6.65
C ARG A 51 28.36 -9.23 -5.26
N SER A 52 28.33 -10.52 -4.94
CA SER A 52 29.01 -10.99 -3.72
C SER A 52 30.53 -10.81 -3.86
N GLY A 53 31.04 -10.86 -5.08
CA GLY A 53 32.47 -10.77 -5.33
C GLY A 53 33.02 -9.50 -5.97
N GLY A 54 34.05 -8.94 -5.34
CA GLY A 54 34.86 -7.90 -5.95
C GLY A 54 34.27 -6.50 -5.96
N GLY A 55 33.13 -6.30 -5.28
CA GLY A 55 32.50 -5.00 -5.31
C GLY A 55 32.02 -4.58 -6.71
N ARG A 56 31.81 -5.55 -7.59
CA ARG A 56 31.32 -5.26 -8.93
C ARG A 56 29.87 -4.78 -8.87
N THR A 57 29.57 -3.68 -9.59
CA THR A 57 28.26 -3.04 -9.52
C THR A 57 27.65 -2.75 -10.90
N TYR A 58 26.35 -2.46 -10.90
CA TYR A 58 25.58 -2.27 -12.13
C TYR A 58 24.47 -1.30 -11.79
N TYR A 59 24.17 -0.36 -12.69
CA TYR A 59 23.16 0.68 -12.46
C TYR A 59 22.22 0.79 -13.64
N SER A 60 20.98 1.17 -13.37
CA SER A 60 20.04 1.47 -14.43
C SER A 60 20.44 2.76 -15.10
N ASP A 61 20.07 2.90 -16.37
CA ASP A 61 20.34 4.11 -17.14
C ASP A 61 19.93 5.39 -16.38
N ASN A 62 18.78 5.37 -15.73
CA ASN A 62 18.27 6.57 -15.06
C ASN A 62 19.07 7.08 -13.87
N VAL A 63 19.91 6.24 -13.27
CA VAL A 63 20.63 6.66 -12.05
C VAL A 63 22.16 6.68 -12.20
N LYS A 64 22.64 6.27 -13.37
CA LYS A 64 24.08 6.24 -13.62
C LYS A 64 24.74 7.54 -13.21
N GLY A 65 25.79 7.44 -12.42
CA GLY A 65 26.55 8.61 -12.05
C GLY A 65 25.96 9.40 -10.90
N ARG A 66 24.75 9.05 -10.48
CA ARG A 66 24.13 9.75 -9.37
C ARG A 66 24.01 8.88 -8.13
N PHE A 67 23.75 7.59 -8.33
CA PHE A 67 23.60 6.67 -7.21
C PHE A 67 24.83 5.77 -7.10
N THR A 68 25.19 5.38 -5.89
CA THR A 68 26.27 4.43 -5.67
C THR A 68 25.82 3.35 -4.71
N ILE A 69 25.84 2.11 -5.17
CA ILE A 69 25.51 0.98 -4.31
C ILE A 69 26.80 0.44 -3.68
N SER A 70 26.74 0.08 -2.40
CA SER A 70 27.88 -0.53 -1.73
C SER A 70 27.38 -1.49 -0.66
N ARG A 71 28.30 -2.24 -0.07
CA ARG A 71 27.97 -3.18 1.01
C ARG A 71 29.07 -3.22 2.06
N ASP A 72 28.67 -3.48 3.30
CA ASP A 72 29.63 -3.72 4.36
C ASP A 72 29.35 -5.10 4.92
N ASN A 73 30.10 -6.10 4.47
CA ASN A 73 29.83 -7.47 4.87
C ASN A 73 29.98 -7.67 6.39
N ALA A 74 30.93 -6.96 6.99
CA ALA A 74 31.12 -7.02 8.44
C ALA A 74 29.85 -6.64 9.20
N LYS A 75 29.11 -5.67 8.68
CA LYS A 75 27.88 -5.20 9.32
C LYS A 75 26.60 -5.75 8.68
N ASN A 76 26.73 -6.75 7.81
CA ASN A 76 25.58 -7.36 7.15
C ASN A 76 24.65 -6.30 6.56
N SER A 77 25.22 -5.33 5.86
CA SER A 77 24.49 -4.17 5.38
C SER A 77 24.72 -3.83 3.91
N LEU A 78 23.66 -3.43 3.25
CA LEU A 78 23.69 -2.91 1.88
C LEU A 78 23.36 -1.43 1.95
N TYR A 79 24.03 -0.62 1.12
CA TYR A 79 23.77 0.81 1.09
C TYR A 79 23.45 1.33 -0.32
N LEU A 80 22.72 2.44 -0.35
CA LEU A 80 22.54 3.19 -1.60
C LEU A 80 22.72 4.67 -1.30
N GLN A 81 23.78 5.24 -1.83
CA GLN A 81 24.06 6.66 -1.69
C GLN A 81 23.46 7.32 -2.91
N MET A 82 22.53 8.23 -2.67
CA MET A 82 21.76 8.82 -3.74
C MET A 82 22.11 10.29 -3.77
N ASN A 83 22.70 10.74 -4.87
CA ASN A 83 23.06 12.14 -5.04
C ASN A 83 22.26 12.80 -6.16
N SER A 84 22.27 14.13 -6.21
CA SER A 84 21.56 14.87 -7.27
C SER A 84 20.17 14.33 -7.51
N LEU A 85 19.43 14.14 -6.43
CA LEU A 85 18.09 13.58 -6.54
C LEU A 85 17.15 14.45 -7.37
N ARG A 86 16.27 13.76 -8.11
CA ARG A 86 15.28 14.38 -8.96
C ARG A 86 13.89 14.02 -8.46
N ALA A 87 12.89 14.81 -8.85
CA ALA A 87 11.52 14.51 -8.46
C ALA A 87 11.14 13.10 -8.90
N GLU A 88 11.58 12.70 -10.08
CA GLU A 88 11.24 11.36 -10.61
C GLU A 88 11.87 10.21 -9.82
N ASP A 89 12.76 10.52 -8.87
CA ASP A 89 13.34 9.47 -8.03
C ASP A 89 12.45 9.13 -6.84
N THR A 90 11.36 9.88 -6.66
CA THR A 90 10.41 9.62 -5.60
C THR A 90 9.83 8.21 -5.76
N ALA A 91 9.93 7.39 -4.71
CA ALA A 91 9.53 5.99 -4.78
C ALA A 91 9.82 5.24 -3.47
N LEU A 92 9.20 4.07 -3.34
CA LEU A 92 9.55 3.13 -2.29
C LEU A 92 10.75 2.30 -2.78
N TYR A 93 11.84 2.35 -2.03
CA TYR A 93 13.06 1.62 -2.40
C TYR A 93 13.18 0.33 -1.60
N TYR A 94 13.26 -0.79 -2.31
CA TYR A 94 13.38 -2.11 -1.71
C TYR A 94 14.78 -2.69 -1.87
N CYS A 95 15.27 -3.30 -0.80
CA CYS A 95 16.45 -4.16 -0.82
C CYS A 95 16.01 -5.57 -1.25
N VAL A 96 16.71 -6.16 -2.21
CA VAL A 96 16.29 -7.45 -2.78
C VAL A 96 17.47 -8.42 -2.94
N ARG A 97 17.30 -9.64 -2.46
CA ARG A 97 18.39 -10.62 -2.52
C ARG A 97 18.35 -11.39 -3.81
N TYR A 98 19.51 -11.63 -4.40
CA TYR A 98 19.59 -12.50 -5.55
C TYR A 98 19.99 -13.91 -5.08
N ASP A 99 19.16 -14.89 -5.41
CA ASP A 99 19.45 -16.28 -5.06
C ASP A 99 20.14 -17.01 -6.20
N HIS A 100 21.46 -17.13 -6.12
CA HIS A 100 22.21 -17.85 -7.14
C HIS A 100 21.78 -19.32 -7.30
N TYR A 101 21.22 -19.92 -6.25
CA TYR A 101 20.79 -21.33 -6.35
C TYR A 101 19.55 -21.51 -7.23
N SER A 102 18.67 -20.51 -7.29
CA SER A 102 17.48 -20.61 -8.11
C SER A 102 17.57 -19.76 -9.38
N GLY A 103 18.60 -18.92 -9.45
CA GLY A 103 18.83 -18.09 -10.61
C GLY A 103 17.93 -16.89 -10.71
N SER A 104 17.47 -16.38 -9.57
CA SER A 104 16.42 -15.39 -9.53
C SER A 104 16.47 -14.63 -8.21
N SER A 105 16.14 -13.33 -8.25
CA SER A 105 15.89 -12.57 -7.04
C SER A 105 14.78 -13.26 -6.25
N ASP A 106 14.95 -13.37 -4.93
CA ASP A 106 13.93 -14.03 -4.12
C ASP A 106 13.30 -13.12 -3.06
N TYR A 107 14.00 -12.86 -1.97
CA TYR A 107 13.44 -12.08 -0.86
C TYR A 107 13.54 -10.57 -1.07
N TRP A 108 12.44 -9.87 -0.73
CA TRP A 108 12.35 -8.41 -0.76
C TRP A 108 12.18 -7.88 0.65
N GLY A 109 12.72 -6.70 0.95
CA GLY A 109 12.48 -6.09 2.24
C GLY A 109 11.12 -5.42 2.26
N GLN A 110 10.87 -4.57 3.26
CA GLN A 110 9.59 -3.86 3.39
C GLN A 110 9.60 -2.54 2.63
N GLY A 111 10.79 -2.06 2.32
CA GLY A 111 10.97 -0.86 1.51
C GLY A 111 11.10 0.39 2.37
N THR A 112 11.83 1.39 1.87
CA THR A 112 11.88 2.68 2.56
C THR A 112 11.53 3.79 1.55
N LEU A 113 10.67 4.73 1.97
CA LEU A 113 10.10 5.70 1.04
C LEU A 113 10.95 6.94 0.91
N VAL A 114 11.33 7.28 -0.31
CA VAL A 114 12.10 8.48 -0.59
C VAL A 114 11.21 9.46 -1.33
N THR A 115 11.12 10.68 -0.80
CA THR A 115 10.30 11.72 -1.41
C THR A 115 11.20 12.89 -1.77
N VAL A 116 11.21 13.22 -3.05
CA VAL A 116 12.03 14.31 -3.55
C VAL A 116 11.11 15.46 -3.93
N SER A 117 11.19 16.56 -3.16
CA SER A 117 10.22 17.65 -3.29
C SER A 117 10.73 18.94 -2.64
N SER A 118 10.26 20.09 -3.09
CA SER A 118 10.53 21.37 -2.42
C SER A 118 9.56 21.70 -1.28
N ALA A 119 8.52 20.90 -1.12
CA ALA A 119 7.57 21.15 -0.04
C ALA A 119 8.18 20.82 1.32
N SER A 120 7.63 21.46 2.34
CA SER A 120 8.17 21.42 3.70
C SER A 120 7.60 20.24 4.48
N THR A 121 8.41 19.70 5.39
CA THR A 121 7.95 18.69 6.35
C THR A 121 6.87 19.25 7.25
N LYS A 122 5.86 18.43 7.55
CA LYS A 122 4.84 18.83 8.51
C LYS A 122 4.27 17.62 9.21
N GLY A 123 4.20 17.69 10.53
CA GLY A 123 3.66 16.60 11.31
C GLY A 123 2.15 16.73 11.39
N PRO A 124 1.45 15.62 11.58
CA PRO A 124 -0.02 15.60 11.55
C PRO A 124 -0.65 16.01 12.85
N SER A 125 -1.89 16.44 12.79
CA SER A 125 -2.73 16.53 13.98
C SER A 125 -3.47 15.20 14.04
N VAL A 126 -3.61 14.63 15.24
CA VAL A 126 -4.32 13.37 15.42
C VAL A 126 -5.58 13.59 16.24
N PHE A 127 -6.71 13.23 15.64
CA PHE A 127 -8.02 13.44 16.26
C PHE A 127 -8.75 12.14 16.48
N PRO A 128 -9.48 12.03 17.61
CA PRO A 128 -10.31 10.85 17.84
C PRO A 128 -11.52 10.89 16.92
N LEU A 129 -11.94 9.74 16.41
CA LEU A 129 -13.21 9.66 15.70
C LEU A 129 -14.17 9.02 16.67
N ALA A 130 -15.11 9.82 17.13
CA ALA A 130 -15.92 9.51 18.30
C ALA A 130 -17.21 8.79 17.93
N PRO A 131 -17.39 7.56 18.46
CA PRO A 131 -18.65 6.82 18.33
C PRO A 131 -19.89 7.70 18.44
N SER A 132 -20.86 7.45 17.57
CA SER A 132 -22.03 8.32 17.48
C SER A 132 -23.00 8.06 18.63
N SER A 133 -23.65 9.13 19.07
CA SER A 133 -24.79 9.00 19.97
C SER A 133 -26.05 8.87 19.11
N LYS A 134 -26.78 7.76 19.25
CA LYS A 134 -26.56 6.78 20.31
C LYS A 134 -25.77 5.51 19.95
N SER A 135 -26.10 4.75 18.90
CA SER A 135 -27.27 4.94 18.02
C SER A 135 -27.68 3.61 17.39
N THR A 136 -26.94 2.55 17.68
CA THR A 136 -26.78 1.44 16.72
C THR A 136 -27.58 0.17 17.01
N SER A 137 -28.18 -0.36 15.95
CA SER A 137 -29.14 -1.45 16.01
C SER A 137 -28.55 -2.80 16.48
N GLY A 138 -27.37 -3.15 15.99
CA GLY A 138 -26.85 -4.50 16.18
C GLY A 138 -25.80 -4.68 17.25
N GLY A 139 -25.52 -3.64 18.02
CA GLY A 139 -24.56 -3.74 19.10
C GLY A 139 -23.11 -3.72 18.64
N THR A 140 -22.83 -2.90 17.62
CA THR A 140 -21.46 -2.67 17.19
C THR A 140 -21.32 -1.22 16.73
N ALA A 141 -20.30 -0.55 17.27
CA ALA A 141 -20.03 0.83 16.89
C ALA A 141 -18.70 0.90 16.14
N ALA A 142 -18.43 2.06 15.56
CA ALA A 142 -17.16 2.26 14.88
C ALA A 142 -16.43 3.39 15.58
N LEU A 143 -15.13 3.20 15.77
CA LEU A 143 -14.26 4.25 16.24
C LEU A 143 -12.98 4.33 15.39
N GLY A 144 -12.32 5.48 15.40
CA GLY A 144 -11.04 5.63 14.72
C GLY A 144 -10.32 6.90 15.13
N CYS A 145 -9.30 7.28 14.35
CA CYS A 145 -8.76 8.63 14.45
C CYS A 145 -8.39 9.18 13.08
N LEU A 146 -8.56 10.49 12.95
CA LEU A 146 -8.23 11.22 11.74
C LEU A 146 -6.81 11.79 11.89
N VAL A 147 -5.89 11.29 11.07
CA VAL A 147 -4.53 11.82 11.03
C VAL A 147 -4.43 12.88 9.92
N LYS A 148 -4.50 14.16 10.30
CA LYS A 148 -4.66 15.21 9.30
C LYS A 148 -3.47 16.15 9.10
N ASP A 149 -3.23 16.45 7.83
CA ASP A 149 -2.34 17.53 7.38
C ASP A 149 -0.86 17.23 7.63
N TYR A 150 -0.32 16.20 6.98
CA TYR A 150 1.09 15.90 7.14
C TYR A 150 1.81 15.82 5.80
N PHE A 151 3.14 15.91 5.86
CA PHE A 151 3.96 15.69 4.67
C PHE A 151 5.39 15.42 5.12
N PRO A 152 6.11 14.50 4.44
CA PRO A 152 5.66 13.64 3.35
C PRO A 152 5.01 12.37 3.90
N GLN A 153 4.67 11.43 3.03
CA GLN A 153 4.35 10.09 3.49
C GLN A 153 5.65 9.49 4.06
N PRO A 154 5.56 8.45 4.89
CA PRO A 154 4.33 7.73 5.25
C PRO A 154 3.95 7.95 6.71
N VAL A 155 2.72 7.60 7.04
CA VAL A 155 2.29 7.51 8.43
C VAL A 155 1.98 6.05 8.74
N THR A 156 2.32 5.60 9.93
CA THR A 156 1.82 4.30 10.35
C THR A 156 0.87 4.45 11.52
N VAL A 157 -0.07 3.52 11.62
CA VAL A 157 -1.04 3.51 12.69
C VAL A 157 -1.20 2.07 13.15
N SER A 158 -1.29 1.89 14.46
CA SER A 158 -1.63 0.60 15.03
C SER A 158 -2.56 0.87 16.21
N TRP A 159 -3.07 -0.19 16.82
CA TRP A 159 -4.03 -0.02 17.91
C TRP A 159 -3.61 -0.83 19.12
N ASN A 160 -3.78 -0.23 20.29
CA ASN A 160 -3.32 -0.82 21.53
C ASN A 160 -1.96 -1.49 21.31
N SER A 161 -1.09 -0.73 20.64
CA SER A 161 0.31 -1.05 20.50
C SER A 161 0.55 -2.38 19.80
N GLY A 162 -0.39 -2.76 18.94
CA GLY A 162 -0.26 -3.99 18.17
C GLY A 162 -1.18 -5.09 18.65
N ALA A 163 -1.73 -4.92 19.85
CA ALA A 163 -2.59 -5.94 20.44
C ALA A 163 -3.88 -6.11 19.65
N LEU A 164 -4.34 -5.01 19.07
CA LEU A 164 -5.64 -4.95 18.41
C LEU A 164 -5.49 -4.84 16.90
N THR A 165 -5.72 -5.95 16.21
CA THR A 165 -5.61 -6.00 14.75
C THR A 165 -6.95 -6.28 14.06
N SER A 166 -7.74 -7.20 14.63
CA SER A 166 -9.04 -7.56 14.04
C SER A 166 -9.98 -6.37 14.00
N GLY A 167 -10.64 -6.18 12.86
CA GLY A 167 -11.58 -5.08 12.69
C GLY A 167 -10.95 -3.74 12.31
N VAL A 168 -9.63 -3.72 12.16
CA VAL A 168 -8.92 -2.48 11.86
C VAL A 168 -8.81 -2.23 10.35
N HIS A 169 -9.20 -1.04 9.92
CA HIS A 169 -8.94 -0.60 8.55
C HIS A 169 -8.24 0.75 8.60
N THR A 170 -7.04 0.81 8.02
CA THR A 170 -6.33 2.08 7.90
C THR A 170 -6.33 2.49 6.43
N PHE A 171 -6.99 3.61 6.13
CA PHE A 171 -7.19 4.04 4.74
C PHE A 171 -5.94 4.62 4.10
N PRO A 172 -5.83 4.47 2.77
CA PRO A 172 -4.75 5.13 2.02
C PRO A 172 -4.86 6.62 2.20
N ALA A 173 -3.72 7.29 2.27
CA ALA A 173 -3.72 8.73 2.42
C ALA A 173 -4.30 9.37 1.18
N VAL A 174 -5.00 10.48 1.38
CA VAL A 174 -5.43 11.33 0.29
C VAL A 174 -4.62 12.62 0.36
N LEU A 175 -4.21 13.11 -0.81
CA LEU A 175 -3.43 14.31 -0.92
C LEU A 175 -4.41 15.45 -1.09
N GLN A 176 -4.36 16.42 -0.19
CA GLN A 176 -5.25 17.58 -0.22
C GLN A 176 -4.69 18.64 -1.15
N SER A 177 -5.53 19.57 -1.59
CA SER A 177 -5.09 20.61 -2.51
C SER A 177 -3.95 21.43 -1.91
N SER A 178 -3.94 21.52 -0.58
CA SER A 178 -2.86 22.17 0.17
C SER A 178 -1.50 21.51 -0.05
N GLY A 179 -1.50 20.31 -0.62
CA GLY A 179 -0.27 19.55 -0.81
C GLY A 179 0.04 18.68 0.40
N LEU A 180 -0.87 18.67 1.37
CA LEU A 180 -0.70 17.87 2.59
C LEU A 180 -1.58 16.62 2.54
N TYR A 181 -1.10 15.54 3.15
CA TYR A 181 -1.84 14.29 3.22
C TYR A 181 -2.74 14.24 4.46
N SER A 182 -3.78 13.43 4.35
CA SER A 182 -4.64 13.16 5.46
C SER A 182 -5.11 11.71 5.34
N LEU A 183 -5.21 11.03 6.46
CA LEU A 183 -5.78 9.68 6.43
C LEU A 183 -6.54 9.40 7.72
N SER A 184 -7.37 8.37 7.66
CA SER A 184 -8.05 7.88 8.86
C SER A 184 -7.76 6.40 9.07
N SER A 185 -7.82 5.99 10.35
CA SER A 185 -7.77 4.59 10.70
C SER A 185 -8.97 4.33 11.60
N VAL A 186 -9.71 3.26 11.32
CA VAL A 186 -10.93 3.00 12.07
C VAL A 186 -10.93 1.58 12.54
N VAL A 187 -11.85 1.28 13.45
CA VAL A 187 -11.94 -0.06 14.00
C VAL A 187 -13.39 -0.30 14.42
N THR A 188 -13.89 -1.50 14.14
CA THR A 188 -15.24 -1.86 14.55
C THR A 188 -15.18 -2.52 15.92
N VAL A 189 -16.08 -2.06 16.79
CA VAL A 189 -16.07 -2.48 18.17
C VAL A 189 -17.49 -2.69 18.66
N PRO A 190 -17.74 -3.81 19.36
CA PRO A 190 -19.04 -4.02 19.99
C PRO A 190 -19.39 -2.86 20.91
N SER A 191 -20.55 -2.23 20.69
CA SER A 191 -21.04 -1.16 21.56
C SER A 191 -20.98 -1.61 23.02
N SER A 192 -20.96 -2.93 23.22
CA SER A 192 -20.80 -3.53 24.54
C SER A 192 -19.54 -3.04 25.27
N SER A 193 -18.38 -3.39 24.73
CA SER A 193 -17.11 -3.19 25.43
C SER A 193 -16.69 -1.72 25.62
N LEU A 194 -17.62 -0.79 25.39
CA LEU A 194 -17.37 0.61 25.74
C LEU A 194 -17.42 0.81 27.25
N GLY A 195 -16.40 1.47 27.78
CA GLY A 195 -16.35 1.75 29.20
C GLY A 195 -15.46 0.75 29.93
N THR A 196 -15.14 -0.35 29.26
CA THR A 196 -14.30 -1.38 29.84
C THR A 196 -13.01 -1.54 29.06
N GLN A 197 -13.14 -1.62 27.74
CA GLN A 197 -11.98 -1.73 26.87
C GLN A 197 -11.34 -0.37 26.62
N THR A 198 -10.02 -0.42 26.41
CA THR A 198 -9.18 0.73 26.11
C THR A 198 -8.75 0.73 24.65
N TYR A 199 -9.07 1.80 23.92
CA TYR A 199 -8.66 1.91 22.53
C TYR A 199 -7.67 3.07 22.39
N ILE A 200 -6.40 2.71 22.23
CA ILE A 200 -5.33 3.66 21.96
C ILE A 200 -4.88 3.53 20.50
N CYS A 201 -4.99 4.60 19.71
CA CYS A 201 -4.38 4.60 18.38
C CYS A 201 -2.95 5.17 18.41
N ASN A 202 -2.04 4.41 17.82
CA ASN A 202 -0.62 4.71 17.87
C ASN A 202 -0.08 5.21 16.52
N VAL A 203 0.11 6.51 16.40
CA VAL A 203 0.47 7.12 15.14
C VAL A 203 1.93 7.55 15.09
N ASN A 204 2.67 6.98 14.15
CA ASN A 204 4.02 7.45 13.86
C ASN A 204 4.14 8.17 12.52
N HIS A 205 4.74 9.35 12.55
CA HIS A 205 5.14 10.04 11.32
C HIS A 205 6.63 10.33 11.49
N LYS A 206 7.45 9.39 11.06
CA LYS A 206 8.87 9.45 11.29
C LYS A 206 9.52 10.66 10.62
N PRO A 207 9.09 11.01 9.40
CA PRO A 207 9.70 12.19 8.77
C PRO A 207 9.60 13.47 9.57
N SER A 208 8.68 13.58 10.52
CA SER A 208 8.57 14.78 11.33
C SER A 208 8.90 14.49 12.79
N ASN A 209 9.42 13.28 13.04
CA ASN A 209 9.74 12.85 14.39
C ASN A 209 8.49 12.87 15.27
N THR A 210 7.34 12.62 14.66
CA THR A 210 6.09 12.64 15.40
C THR A 210 5.68 11.24 15.81
N LYS A 211 5.29 11.11 17.07
CA LYS A 211 4.94 9.81 17.63
C LYS A 211 3.92 10.04 18.73
N VAL A 212 2.66 9.77 18.41
CA VAL A 212 1.54 10.10 19.26
C VAL A 212 0.77 8.83 19.61
N ASP A 213 0.41 8.70 20.88
CA ASP A 213 -0.51 7.66 21.33
C ASP A 213 -1.79 8.37 21.74
N LYS A 214 -2.93 7.86 21.27
CA LYS A 214 -4.21 8.53 21.48
C LYS A 214 -5.31 7.55 21.87
N LYS A 215 -5.82 7.73 23.09
CA LYS A 215 -7.00 6.99 23.53
C LYS A 215 -8.24 7.70 23.00
N VAL A 216 -9.25 6.91 22.63
CA VAL A 216 -10.48 7.47 22.07
C VAL A 216 -11.64 7.34 23.04
N GLU A 217 -12.57 8.30 23.00
CA GLU A 217 -13.66 8.37 23.97
C GLU A 217 -14.94 8.95 23.37
N PRO A 218 -16.10 8.41 23.78
CA PRO A 218 -17.41 8.90 23.29
C PRO A 218 -17.82 10.24 23.92
N LYS A 219 -18.05 11.25 23.09
CA LYS A 219 -18.41 12.59 23.58
C LYS A 219 -17.48 13.03 24.70
N TYR B 1 15.80 -3.03 -21.91
CA TYR B 1 15.69 -3.24 -23.39
C TYR B 1 14.66 -4.32 -23.72
N VAL B 2 14.64 -5.43 -22.97
CA VAL B 2 13.66 -6.49 -23.21
C VAL B 2 12.34 -6.12 -22.56
N VAL B 3 11.34 -5.88 -23.40
CA VAL B 3 10.06 -5.41 -22.92
C VAL B 3 9.18 -6.60 -22.55
N MET B 4 8.63 -6.56 -21.35
CA MET B 4 7.76 -7.63 -20.84
C MET B 4 6.34 -7.11 -20.82
N THR B 5 5.45 -7.79 -21.54
CA THR B 5 4.07 -7.31 -21.68
C THR B 5 3.10 -8.32 -21.06
N GLN B 6 2.35 -7.88 -20.06
CA GLN B 6 1.37 -8.74 -19.40
C GLN B 6 -0.03 -8.47 -19.91
N SER B 7 -0.85 -9.52 -19.93
CA SER B 7 -2.25 -9.39 -20.33
C SER B 7 -3.07 -10.45 -19.61
N PRO B 8 -4.26 -10.07 -19.10
CA PRO B 8 -4.83 -8.72 -19.01
C PRO B 8 -4.17 -7.90 -17.91
N LEU B 9 -4.47 -6.62 -17.80
CA LEU B 9 -3.91 -5.79 -16.74
C LEU B 9 -4.80 -5.80 -15.51
N SER B 10 -6.05 -6.17 -15.73
CA SER B 10 -7.00 -6.35 -14.64
C SER B 10 -7.74 -7.66 -14.84
N LEU B 11 -7.88 -8.44 -13.77
CA LEU B 11 -8.38 -9.79 -13.89
C LEU B 11 -9.34 -10.11 -12.77
N PRO B 12 -10.63 -9.87 -13.03
CA PRO B 12 -11.63 -10.23 -12.02
C PRO B 12 -11.98 -11.70 -12.17
N VAL B 13 -12.06 -12.41 -11.07
CA VAL B 13 -12.31 -13.82 -11.13
C VAL B 13 -13.15 -14.27 -9.96
N THR B 14 -14.09 -15.16 -10.23
CA THR B 14 -14.92 -15.72 -9.19
C THR B 14 -14.16 -16.80 -8.42
N PRO B 15 -14.25 -16.74 -7.08
CA PRO B 15 -13.49 -17.72 -6.29
C PRO B 15 -13.89 -19.15 -6.66
N GLY B 16 -12.91 -20.04 -6.69
CA GLY B 16 -13.14 -21.42 -7.09
C GLY B 16 -12.84 -21.65 -8.56
N GLU B 17 -12.76 -20.58 -9.33
CA GLU B 17 -12.61 -20.71 -10.78
C GLU B 17 -11.17 -20.42 -11.21
N PRO B 18 -10.75 -20.94 -12.37
CA PRO B 18 -9.36 -20.75 -12.79
C PRO B 18 -9.11 -19.34 -13.30
N ALA B 19 -7.84 -18.94 -13.28
CA ALA B 19 -7.40 -17.69 -13.87
C ALA B 19 -6.08 -17.92 -14.60
N SER B 20 -5.82 -17.07 -15.58
CA SER B 20 -4.63 -17.20 -16.41
C SER B 20 -4.10 -15.80 -16.76
N ILE B 21 -2.79 -15.63 -16.61
CA ILE B 21 -2.15 -14.37 -16.95
C ILE B 21 -1.02 -14.63 -17.94
N SER B 22 -1.04 -13.88 -19.03
CA SER B 22 -0.03 -13.98 -20.06
C SER B 22 1.13 -13.02 -19.82
N CYS B 23 2.35 -13.49 -20.14
CA CYS B 23 3.54 -12.64 -20.08
C CYS B 23 4.35 -12.94 -21.32
N LYS B 24 4.56 -11.92 -22.14
CA LYS B 24 5.27 -12.07 -23.41
C LYS B 24 6.45 -11.14 -23.42
N SER B 25 7.60 -11.63 -23.89
CA SER B 25 8.80 -10.82 -23.94
C SER B 25 9.08 -10.41 -25.40
N SER B 26 9.78 -9.31 -25.58
CA SER B 26 10.10 -8.84 -26.93
C SER B 26 11.20 -9.64 -27.61
N GLN B 27 11.89 -10.48 -26.85
CA GLN B 27 12.75 -11.47 -27.46
C GLN B 27 12.90 -12.68 -26.55
N SER B 28 13.49 -13.75 -27.08
CA SER B 28 13.57 -15.01 -26.34
C SER B 28 14.30 -14.85 -25.01
N LEU B 29 13.77 -15.53 -24.00
CA LEU B 29 14.39 -15.55 -22.69
C LEU B 29 15.22 -16.82 -22.48
N LEU B 30 15.39 -17.63 -23.52
CA LEU B 30 16.31 -18.76 -23.45
C LEU B 30 17.73 -18.24 -23.42
N ASP B 31 18.43 -18.50 -22.33
CA ASP B 31 19.81 -18.07 -22.14
C ASP B 31 20.77 -19.02 -22.86
N SER B 32 22.00 -18.56 -23.11
CA SER B 32 22.99 -19.40 -23.78
C SER B 32 23.37 -20.62 -22.94
N ASP B 33 23.04 -20.61 -21.64
CA ASP B 33 23.34 -21.73 -20.77
C ASP B 33 22.23 -22.80 -20.78
N GLY B 34 21.22 -22.62 -21.62
CA GLY B 34 20.14 -23.58 -21.73
C GLY B 34 18.95 -23.28 -20.84
N LYS B 35 19.09 -22.35 -19.90
CA LYS B 35 17.99 -22.09 -18.98
C LYS B 35 17.17 -20.89 -19.43
N THR B 36 15.94 -20.85 -18.95
CA THR B 36 15.03 -19.77 -19.27
C THR B 36 14.62 -19.03 -18.00
N TYR B 37 15.14 -17.82 -17.85
CA TYR B 37 15.01 -17.08 -16.60
C TYR B 37 13.75 -16.20 -16.60
N LEU B 38 12.61 -16.83 -16.42
CA LEU B 38 11.33 -16.14 -16.37
C LEU B 38 10.70 -16.45 -15.01
N ASN B 39 10.32 -15.40 -14.32
CA ASN B 39 9.89 -15.47 -12.93
C ASN B 39 8.57 -14.77 -12.75
N TRP B 40 7.85 -15.16 -11.69
CA TRP B 40 6.61 -14.52 -11.29
C TRP B 40 6.63 -14.18 -9.82
N LEU B 41 6.12 -13.00 -9.47
CA LEU B 41 5.92 -12.67 -8.08
C LEU B 41 4.52 -12.12 -7.88
N LEU B 42 4.13 -12.04 -6.62
CA LEU B 42 2.85 -11.46 -6.24
C LEU B 42 3.07 -10.40 -5.17
N GLN B 43 2.43 -9.25 -5.36
CA GLN B 43 2.40 -8.24 -4.32
C GLN B 43 1.00 -8.15 -3.71
N LYS B 44 0.83 -8.75 -2.54
CA LYS B 44 -0.46 -8.72 -1.84
C LYS B 44 -0.69 -7.32 -1.29
N PRO B 45 -1.97 -6.96 -1.07
CA PRO B 45 -2.29 -5.62 -0.54
C PRO B 45 -1.55 -5.32 0.74
N GLY B 46 -0.89 -4.17 0.78
CA GLY B 46 -0.14 -3.77 1.95
C GLY B 46 1.18 -4.50 2.18
N GLN B 47 1.55 -5.43 1.31
CA GLN B 47 2.75 -6.24 1.55
C GLN B 47 3.86 -6.06 0.51
N SER B 48 5.06 -6.54 0.81
CA SER B 48 6.15 -6.44 -0.14
C SER B 48 6.03 -7.61 -1.11
N PRO B 49 6.68 -7.52 -2.28
CA PRO B 49 6.56 -8.61 -3.22
C PRO B 49 7.06 -9.92 -2.66
N GLN B 50 6.48 -11.01 -3.15
CA GLN B 50 6.95 -12.34 -2.78
C GLN B 50 7.00 -13.21 -4.04
N ARG B 51 8.10 -13.92 -4.20
CA ARG B 51 8.27 -14.75 -5.38
C ARG B 51 7.33 -15.96 -5.37
N LEU B 52 6.69 -16.22 -6.50
CA LEU B 52 5.88 -17.44 -6.67
C LEU B 52 6.60 -18.53 -7.47
N ILE B 53 7.27 -18.13 -8.55
CA ILE B 53 7.80 -19.07 -9.54
C ILE B 53 9.10 -18.55 -10.12
N TYR B 54 10.03 -19.48 -10.37
CA TYR B 54 11.26 -19.16 -11.07
C TYR B 54 11.52 -20.22 -12.15
N LEU B 55 12.41 -19.92 -13.08
CA LEU B 55 12.77 -20.83 -14.15
C LEU B 55 11.51 -21.37 -14.80
N VAL B 56 10.60 -20.45 -15.06
CA VAL B 56 9.35 -20.65 -15.82
C VAL B 56 8.25 -21.38 -15.05
N SER B 57 8.59 -22.49 -14.43
CA SER B 57 7.58 -23.39 -13.88
C SER B 57 7.89 -23.92 -12.49
N LYS B 58 8.97 -23.43 -11.88
CA LYS B 58 9.40 -23.99 -10.60
C LYS B 58 8.81 -23.19 -9.43
N LEU B 59 8.04 -23.88 -8.58
CA LEU B 59 7.40 -23.26 -7.42
C LEU B 59 8.37 -22.95 -6.28
N ASP B 60 8.24 -21.76 -5.72
CA ASP B 60 9.05 -21.37 -4.58
C ASP B 60 8.45 -21.96 -3.31
N SER B 61 9.20 -21.80 -2.22
CA SER B 61 8.89 -22.40 -0.93
C SER B 61 7.53 -22.00 -0.44
N GLY B 62 6.69 -23.00 -0.19
CA GLY B 62 5.43 -22.76 0.48
C GLY B 62 4.33 -22.32 -0.45
N VAL B 63 4.64 -22.18 -1.74
CA VAL B 63 3.65 -21.75 -2.72
C VAL B 63 2.77 -22.94 -3.10
N PRO B 64 1.44 -22.79 -3.00
CA PRO B 64 0.58 -23.95 -3.26
C PRO B 64 0.53 -24.33 -4.74
N ASP B 65 0.26 -25.59 -5.03
CA ASP B 65 0.40 -26.04 -6.39
C ASP B 65 -0.84 -25.76 -7.22
N ARG B 66 -1.77 -24.97 -6.69
CA ARG B 66 -2.78 -24.40 -7.58
C ARG B 66 -2.14 -23.33 -8.52
N PHE B 67 -0.97 -22.84 -8.17
CA PHE B 67 -0.19 -21.99 -9.07
C PHE B 67 0.64 -22.85 -9.99
N SER B 68 0.70 -22.50 -11.27
CA SER B 68 1.64 -23.14 -12.15
C SER B 68 2.11 -22.15 -13.19
N GLY B 69 3.30 -22.39 -13.71
CA GLY B 69 3.85 -21.55 -14.76
C GLY B 69 4.23 -22.41 -15.93
N SER B 70 4.04 -21.89 -17.13
CA SER B 70 4.49 -22.61 -18.32
C SER B 70 4.94 -21.61 -19.39
N GLY B 71 5.45 -22.14 -20.49
CA GLY B 71 5.82 -21.33 -21.63
C GLY B 71 7.25 -21.60 -22.03
N SER B 72 7.65 -21.01 -23.16
CA SER B 72 9.02 -21.07 -23.62
C SER B 72 9.28 -19.91 -24.58
N GLY B 73 10.56 -19.62 -24.80
CA GLY B 73 10.95 -18.60 -25.75
C GLY B 73 10.50 -17.22 -25.34
N THR B 74 9.38 -16.76 -25.90
CA THR B 74 8.86 -15.43 -25.63
C THR B 74 7.45 -15.42 -25.03
N ASP B 75 6.81 -16.57 -24.87
CA ASP B 75 5.40 -16.60 -24.51
C ASP B 75 5.17 -17.44 -23.25
N PHE B 76 4.70 -16.81 -22.17
CA PHE B 76 4.65 -17.47 -20.86
C PHE B 76 3.29 -17.28 -20.23
N THR B 77 2.93 -18.20 -19.34
CA THR B 77 1.63 -18.12 -18.68
C THR B 77 1.70 -18.52 -17.21
N LEU B 78 1.06 -17.71 -16.36
CA LEU B 78 0.80 -18.11 -14.98
C LEU B 78 -0.65 -18.54 -14.87
N LYS B 79 -0.88 -19.73 -14.32
CA LYS B 79 -2.24 -20.18 -14.12
C LYS B 79 -2.50 -20.42 -12.65
N ILE B 80 -3.71 -20.06 -12.21
CA ILE B 80 -4.21 -20.49 -10.91
C ILE B 80 -5.42 -21.40 -11.15
N SER B 81 -5.36 -22.63 -10.68
CA SER B 81 -6.34 -23.65 -11.07
C SER B 81 -7.67 -23.30 -10.47
N ARG B 82 -7.63 -22.83 -9.23
CA ARG B 82 -8.82 -22.40 -8.53
C ARG B 82 -8.44 -21.23 -7.66
N VAL B 83 -8.98 -20.06 -7.96
CA VAL B 83 -8.59 -18.86 -7.22
C VAL B 83 -9.21 -18.82 -5.82
N GLU B 84 -8.42 -18.36 -4.86
CA GLU B 84 -8.89 -18.13 -3.51
C GLU B 84 -8.77 -16.67 -3.11
N ALA B 85 -9.51 -16.30 -2.07
CA ALA B 85 -9.49 -14.94 -1.53
C ALA B 85 -8.08 -14.42 -1.32
N GLU B 86 -7.21 -15.28 -0.78
CA GLU B 86 -5.86 -14.86 -0.40
C GLU B 86 -4.97 -14.58 -1.63
N ASP B 87 -5.47 -14.91 -2.81
CA ASP B 87 -4.71 -14.70 -4.04
C ASP B 87 -4.84 -13.30 -4.59
N VAL B 88 -5.60 -12.45 -3.91
CA VAL B 88 -5.78 -11.10 -4.42
C VAL B 88 -4.47 -10.32 -4.32
N GLY B 89 -4.26 -9.43 -5.28
CA GLY B 89 -3.07 -8.60 -5.32
C GLY B 89 -2.61 -8.35 -6.74
N VAL B 90 -1.37 -7.88 -6.88
CA VAL B 90 -0.83 -7.57 -8.20
C VAL B 90 0.32 -8.55 -8.57
N TYR B 91 0.16 -9.20 -9.71
CA TYR B 91 1.12 -10.22 -10.19
C TYR B 91 2.05 -9.59 -11.23
N TYR B 92 3.34 -9.83 -11.07
CA TYR B 92 4.34 -9.33 -12.01
C TYR B 92 5.21 -10.47 -12.52
N CYS B 93 5.49 -10.49 -13.81
CA CYS B 93 6.55 -11.34 -14.35
C CYS B 93 7.81 -10.49 -14.48
N TRP B 94 8.98 -11.11 -14.40
CA TRP B 94 10.23 -10.42 -14.73
C TRP B 94 11.23 -11.40 -15.32
N GLN B 95 12.16 -10.90 -16.12
CA GLN B 95 13.13 -11.75 -16.79
C GLN B 95 14.54 -11.52 -16.26
N GLY B 96 15.29 -12.62 -16.12
CA GLY B 96 16.66 -12.63 -15.66
C GLY B 96 17.66 -13.09 -16.72
N THR B 97 17.24 -13.11 -17.97
CA THR B 97 18.12 -13.54 -19.05
C THR B 97 19.00 -12.42 -19.64
N HIS B 98 18.41 -11.24 -19.74
CA HIS B 98 19.03 -10.11 -20.42
C HIS B 98 19.23 -8.94 -19.45
N PHE B 99 20.41 -8.32 -19.52
CA PHE B 99 20.71 -7.13 -18.73
C PHE B 99 20.30 -5.91 -19.55
N PRO B 100 19.50 -5.00 -18.97
CA PRO B 100 19.05 -4.94 -17.58
C PRO B 100 17.74 -5.70 -17.30
N ARG B 101 17.57 -6.09 -16.03
CA ARG B 101 16.32 -6.67 -15.52
C ARG B 101 15.11 -5.84 -15.91
N THR B 102 14.07 -6.50 -16.38
CA THR B 102 12.83 -5.81 -16.71
C THR B 102 11.63 -6.57 -16.18
N PHE B 103 10.64 -5.81 -15.72
CA PHE B 103 9.42 -6.33 -15.14
C PHE B 103 8.25 -6.03 -16.07
N GLY B 104 7.20 -6.85 -15.99
CA GLY B 104 5.93 -6.59 -16.64
C GLY B 104 5.20 -5.50 -15.90
N GLN B 105 4.05 -5.07 -16.41
CA GLN B 105 3.38 -3.90 -15.85
C GLN B 105 2.58 -4.22 -14.61
N GLY B 106 2.35 -5.50 -14.37
CA GLY B 106 1.55 -5.93 -13.24
C GLY B 106 0.11 -6.20 -13.63
N THR B 107 -0.43 -7.31 -13.16
CA THR B 107 -1.84 -7.68 -13.38
C THR B 107 -2.56 -7.71 -12.04
N LYS B 108 -3.63 -6.92 -11.90
CA LYS B 108 -4.33 -6.88 -10.62
C LYS B 108 -5.49 -7.85 -10.63
N VAL B 109 -5.41 -8.84 -9.74
CA VAL B 109 -6.46 -9.85 -9.63
C VAL B 109 -7.49 -9.36 -8.62
N GLU B 110 -8.76 -9.30 -9.04
CA GLU B 110 -9.85 -9.00 -8.13
C GLU B 110 -10.74 -10.23 -7.93
N ILE B 111 -11.20 -10.44 -6.70
CA ILE B 111 -12.02 -11.60 -6.41
C ILE B 111 -13.49 -11.16 -6.48
N LYS B 112 -14.29 -11.87 -7.28
CA LYS B 112 -15.70 -11.50 -7.48
C LYS B 112 -16.61 -12.26 -6.51
N ARG B 113 -16.64 -11.82 -5.27
CA ARG B 113 -17.43 -12.46 -4.22
C ARG B 113 -18.87 -11.97 -4.27
N THR B 114 -19.69 -12.43 -3.32
CA THR B 114 -21.09 -12.02 -3.28
C THR B 114 -21.22 -10.55 -2.88
N VAL B 115 -22.30 -9.93 -3.33
CA VAL B 115 -22.61 -8.55 -2.98
C VAL B 115 -22.71 -8.44 -1.46
N ALA B 116 -22.16 -7.36 -0.93
CA ALA B 116 -22.24 -7.10 0.50
C ALA B 116 -22.45 -5.61 0.70
N ALA B 117 -23.51 -5.28 1.42
CA ALA B 117 -23.86 -3.89 1.66
C ALA B 117 -22.90 -3.30 2.68
N PRO B 118 -22.55 -2.03 2.52
CA PRO B 118 -21.72 -1.38 3.53
C PRO B 118 -22.47 -1.08 4.83
N SER B 119 -21.83 -1.33 5.96
CA SER B 119 -22.25 -0.69 7.19
C SER B 119 -21.76 0.75 7.14
N VAL B 120 -22.66 1.70 7.37
CA VAL B 120 -22.35 3.11 7.19
C VAL B 120 -22.34 3.85 8.52
N PHE B 121 -21.30 4.65 8.77
CA PHE B 121 -21.20 5.45 9.98
C PHE B 121 -20.86 6.88 9.64
N ILE B 122 -21.47 7.81 10.35
CA ILE B 122 -21.09 9.21 10.22
C ILE B 122 -20.41 9.60 11.53
N PHE B 123 -19.46 10.53 11.43
CA PHE B 123 -18.56 10.85 12.55
C PHE B 123 -18.46 12.34 12.71
N PRO B 124 -18.88 12.85 13.87
CA PRO B 124 -18.74 14.30 14.06
C PRO B 124 -17.29 14.69 14.39
N PRO B 125 -16.88 15.89 13.97
CA PRO B 125 -15.63 16.55 14.35
C PRO B 125 -15.30 16.42 15.82
N SER B 126 -14.06 16.07 16.15
CA SER B 126 -13.60 16.01 17.53
C SER B 126 -13.67 17.42 18.12
N ASP B 127 -13.66 17.48 19.44
CA ASP B 127 -13.66 18.76 20.14
C ASP B 127 -12.36 19.48 19.85
N GLU B 128 -11.28 18.72 19.86
CA GLU B 128 -9.93 19.27 19.67
C GLU B 128 -9.80 19.96 18.33
N GLN B 129 -10.10 19.24 17.26
CA GLN B 129 -10.08 19.85 15.94
C GLN B 129 -11.09 21.00 15.94
N LEU B 130 -12.10 20.86 16.80
CA LEU B 130 -13.16 21.84 16.95
C LEU B 130 -12.79 22.88 18.02
N LYS B 131 -11.52 23.24 18.05
CA LYS B 131 -11.05 24.45 18.72
C LYS B 131 -9.74 24.88 18.04
N SER B 132 -9.68 24.71 16.72
CA SER B 132 -8.48 24.97 15.94
C SER B 132 -8.76 25.47 14.52
N GLY B 133 -9.95 26.05 14.31
CA GLY B 133 -10.26 26.73 13.06
C GLY B 133 -10.79 25.92 11.88
N THR B 134 -11.15 24.66 12.08
CA THR B 134 -11.61 23.84 10.96
C THR B 134 -12.33 22.56 11.42
N ALA B 135 -13.22 22.05 10.58
CA ALA B 135 -14.05 20.91 10.94
C ALA B 135 -14.05 19.84 9.85
N SER B 136 -13.82 18.59 10.26
CA SER B 136 -13.82 17.47 9.34
C SER B 136 -14.92 16.47 9.67
N VAL B 137 -15.83 16.28 8.71
CA VAL B 137 -16.93 15.35 8.87
C VAL B 137 -16.58 14.06 8.13
N VAL B 138 -16.67 12.93 8.81
CA VAL B 138 -16.20 11.67 8.24
C VAL B 138 -17.32 10.64 8.07
N CYS B 139 -17.55 10.22 6.83
CA CYS B 139 -18.49 9.14 6.56
C CYS B 139 -17.71 7.85 6.25
N LEU B 140 -17.97 6.81 7.04
CA LEU B 140 -17.35 5.51 6.86
C LEU B 140 -18.29 4.49 6.22
N LEU B 141 -17.83 3.82 5.16
CA LEU B 141 -18.50 2.65 4.60
C LEU B 141 -17.62 1.42 4.79
N ASN B 142 -18.08 0.49 5.61
CA ASN B 142 -17.27 -0.65 5.99
C ASN B 142 -17.64 -1.95 5.30
N ASN B 143 -16.62 -2.65 4.81
CA ASN B 143 -16.72 -4.03 4.33
C ASN B 143 -17.83 -4.31 3.32
N PHE B 144 -17.76 -3.62 2.19
CA PHE B 144 -18.75 -3.82 1.15
C PHE B 144 -18.14 -4.41 -0.13
N TYR B 145 -19.03 -4.92 -0.98
CA TYR B 145 -18.67 -5.40 -2.31
C TYR B 145 -19.91 -5.33 -3.21
N PRO B 146 -19.75 -4.87 -4.46
CA PRO B 146 -18.49 -4.50 -5.11
C PRO B 146 -18.03 -3.09 -4.75
N ARG B 147 -16.94 -2.69 -5.39
CA ARG B 147 -16.24 -1.47 -5.05
C ARG B 147 -17.05 -0.22 -5.41
N GLU B 148 -17.88 -0.34 -6.44
CA GLU B 148 -18.66 0.80 -6.90
C GLU B 148 -19.60 1.28 -5.78
N ALA B 149 -19.44 2.53 -5.37
CA ALA B 149 -20.30 3.14 -4.36
C ALA B 149 -20.37 4.64 -4.60
N LYS B 150 -21.57 5.21 -4.50
CA LYS B 150 -21.74 6.66 -4.57
C LYS B 150 -21.96 7.20 -3.16
N VAL B 151 -21.14 8.18 -2.78
CA VAL B 151 -21.36 8.89 -1.54
C VAL B 151 -21.57 10.36 -1.89
N GLN B 152 -22.67 10.93 -1.40
CA GLN B 152 -22.95 12.33 -1.62
C GLN B 152 -23.22 13.04 -0.30
N TRP B 153 -22.56 14.17 -0.10
CA TRP B 153 -22.80 14.98 1.09
C TRP B 153 -23.89 15.99 0.81
N LYS B 154 -24.73 16.23 1.81
CA LYS B 154 -25.73 17.29 1.72
C LYS B 154 -25.75 18.13 2.98
N VAL B 155 -25.61 19.43 2.76
CA VAL B 155 -25.48 20.42 3.83
C VAL B 155 -26.76 21.23 3.89
N ASP B 156 -27.56 21.02 4.94
CA ASP B 156 -28.91 21.57 4.99
C ASP B 156 -29.59 21.29 3.66
N ASN B 157 -29.56 20.02 3.27
CA ASN B 157 -30.24 19.55 2.06
C ASN B 157 -29.65 20.09 0.75
N ALA B 158 -28.38 20.47 0.77
CA ALA B 158 -27.75 21.04 -0.43
C ALA B 158 -26.57 20.19 -0.90
N LEU B 159 -26.70 19.63 -2.09
CA LEU B 159 -25.66 18.79 -2.69
C LEU B 159 -24.32 19.51 -2.77
N GLN B 160 -23.31 18.95 -2.09
CA GLN B 160 -21.98 19.53 -2.11
C GLN B 160 -21.20 19.00 -3.30
N SER B 161 -20.07 19.65 -3.60
CA SER B 161 -19.25 19.25 -4.75
C SER B 161 -17.97 20.08 -4.85
N GLY B 162 -16.83 19.39 -4.80
CA GLY B 162 -15.54 20.05 -4.85
C GLY B 162 -14.83 20.07 -3.51
N ASN B 163 -15.60 19.93 -2.44
CA ASN B 163 -15.08 20.09 -1.08
C ASN B 163 -15.04 18.80 -0.24
N SER B 164 -14.92 17.66 -0.91
CA SER B 164 -14.74 16.40 -0.18
C SER B 164 -13.74 15.51 -0.90
N GLN B 165 -13.18 14.59 -0.14
CA GLN B 165 -12.28 13.59 -0.68
C GLN B 165 -12.57 12.24 -0.08
N GLU B 166 -12.44 11.20 -0.89
CA GLU B 166 -12.62 9.85 -0.39
C GLU B 166 -11.40 8.97 -0.69
N SER B 167 -11.24 7.95 0.14
CA SER B 167 -10.19 6.98 -0.04
C SER B 167 -10.79 5.59 0.14
N VAL B 168 -10.34 4.65 -0.67
CA VAL B 168 -10.83 3.28 -0.60
C VAL B 168 -9.69 2.30 -0.35
N THR B 169 -9.91 1.32 0.53
CA THR B 169 -8.89 0.31 0.80
C THR B 169 -8.76 -0.61 -0.41
N GLU B 170 -7.67 -1.36 -0.51
CA GLU B 170 -7.64 -2.39 -1.52
C GLU B 170 -8.47 -3.55 -0.98
N GLN B 171 -8.81 -4.47 -1.87
CA GLN B 171 -9.63 -5.61 -1.51
C GLN B 171 -8.95 -6.46 -0.43
N ASP B 172 -9.73 -6.77 0.61
CA ASP B 172 -9.25 -7.53 1.76
C ASP B 172 -8.86 -8.95 1.38
N SER B 173 -7.71 -9.40 1.86
CA SER B 173 -7.19 -10.72 1.53
C SER B 173 -8.00 -11.85 2.16
N LYS B 174 -8.75 -11.53 3.22
CA LYS B 174 -9.53 -12.56 3.91
C LYS B 174 -10.98 -12.62 3.45
N ASP B 175 -11.66 -11.48 3.43
CA ASP B 175 -13.10 -11.47 3.13
C ASP B 175 -13.47 -10.79 1.79
N SER B 176 -12.46 -10.35 1.04
CA SER B 176 -12.65 -9.84 -0.32
C SER B 176 -13.56 -8.61 -0.44
N THR B 177 -13.67 -7.85 0.64
CA THR B 177 -14.41 -6.60 0.62
C THR B 177 -13.53 -5.36 0.58
N TYR B 178 -14.21 -4.24 0.38
CA TYR B 178 -13.61 -2.92 0.43
C TYR B 178 -14.21 -2.12 1.58
N SER B 179 -13.47 -1.11 2.03
CA SER B 179 -14.00 -0.09 2.91
C SER B 179 -13.63 1.25 2.32
N LEU B 180 -14.42 2.27 2.64
CA LEU B 180 -14.27 3.58 2.03
C LEU B 180 -14.49 4.67 3.07
N SER B 181 -13.65 5.70 3.05
CA SER B 181 -13.85 6.85 3.92
C SER B 181 -14.10 8.06 3.03
N SER B 182 -15.10 8.87 3.40
CA SER B 182 -15.33 10.13 2.71
C SER B 182 -15.14 11.22 3.75
N THR B 183 -14.38 12.25 3.41
CA THR B 183 -14.16 13.31 4.37
C THR B 183 -14.58 14.66 3.82
N LEU B 184 -15.48 15.28 4.56
CA LEU B 184 -16.00 16.59 4.25
C LEU B 184 -15.36 17.57 5.21
N THR B 185 -14.66 18.55 4.68
CA THR B 185 -13.90 19.46 5.54
C THR B 185 -14.46 20.88 5.46
N LEU B 186 -14.83 21.40 6.61
CA LEU B 186 -15.43 22.73 6.68
C LEU B 186 -14.77 23.65 7.70
N SER B 187 -14.98 24.95 7.51
CA SER B 187 -14.49 25.98 8.42
C SER B 187 -15.21 25.88 9.75
N LYS B 188 -14.65 26.49 10.78
CA LYS B 188 -15.35 26.66 12.03
C LYS B 188 -16.58 27.52 11.75
N ALA B 189 -16.39 28.51 10.88
CA ALA B 189 -17.41 29.51 10.61
C ALA B 189 -18.27 29.17 9.40
N ASP B 190 -18.25 27.91 8.98
CA ASP B 190 -19.19 27.40 7.99
C ASP B 190 -19.93 26.23 8.60
N TYR B 191 -19.18 25.35 9.24
CA TYR B 191 -19.77 24.25 9.96
C TYR B 191 -20.63 24.78 11.11
N GLU B 192 -20.46 26.07 11.42
CA GLU B 192 -21.26 26.71 12.46
C GLU B 192 -22.46 27.49 11.87
N LYS B 193 -22.51 27.59 10.55
CA LYS B 193 -23.60 28.28 9.86
C LYS B 193 -24.64 27.31 9.29
N HIS B 194 -24.60 26.03 9.69
CA HIS B 194 -25.60 25.05 9.25
C HIS B 194 -25.80 23.99 10.30
N LYS B 195 -26.89 23.22 10.21
CA LYS B 195 -27.24 22.24 11.24
C LYS B 195 -27.43 20.82 10.71
N VAL B 196 -27.60 20.67 9.40
CA VAL B 196 -27.98 19.39 8.81
C VAL B 196 -26.87 18.79 7.97
N TYR B 197 -26.19 17.80 8.52
CA TYR B 197 -25.07 17.17 7.82
C TYR B 197 -25.35 15.72 7.48
N ALA B 198 -25.44 15.47 6.18
CA ALA B 198 -25.89 14.19 5.66
C ALA B 198 -24.91 13.62 4.64
N CYS B 199 -24.58 12.34 4.80
CA CYS B 199 -23.91 11.59 3.72
C CYS B 199 -24.83 10.50 3.17
N GLU B 200 -25.12 10.58 1.87
CA GLU B 200 -26.02 9.64 1.21
C GLU B 200 -25.25 8.59 0.42
N VAL B 201 -25.43 7.34 0.81
CA VAL B 201 -24.72 6.22 0.22
C VAL B 201 -25.60 5.39 -0.72
N THR B 202 -25.19 5.31 -1.98
CA THR B 202 -25.81 4.41 -2.96
C THR B 202 -24.88 3.25 -3.27
N HIS B 203 -25.42 2.03 -3.24
CA HIS B 203 -24.65 0.81 -3.48
C HIS B 203 -25.61 -0.30 -3.85
N GLN B 204 -25.15 -1.22 -4.69
CA GLN B 204 -25.97 -2.30 -5.21
C GLN B 204 -26.54 -3.21 -4.13
N GLY B 205 -25.88 -3.25 -2.98
CA GLY B 205 -26.27 -4.13 -1.90
C GLY B 205 -27.45 -3.59 -1.09
N LEU B 206 -27.84 -2.35 -1.39
CA LEU B 206 -28.96 -1.71 -0.69
C LEU B 206 -30.14 -1.56 -1.65
N SER B 207 -31.34 -1.74 -1.11
CA SER B 207 -32.59 -1.53 -1.82
C SER B 207 -32.71 -0.10 -2.29
N SER B 208 -32.31 0.81 -1.41
CA SER B 208 -32.42 2.23 -1.66
C SER B 208 -31.29 2.92 -0.93
N PRO B 209 -30.89 4.10 -1.42
CA PRO B 209 -29.82 4.80 -0.73
C PRO B 209 -30.06 4.92 0.76
N VAL B 210 -29.01 4.74 1.56
CA VAL B 210 -29.10 4.99 2.99
C VAL B 210 -28.51 6.34 3.30
N THR B 211 -29.12 7.03 4.25
CA THR B 211 -28.63 8.31 4.71
C THR B 211 -28.32 8.21 6.18
N LYS B 212 -27.17 8.74 6.57
CA LYS B 212 -26.85 8.92 7.96
C LYS B 212 -26.41 10.35 8.10
N SER B 213 -27.02 11.04 9.04
CA SER B 213 -26.78 12.45 9.21
C SER B 213 -26.87 12.75 10.69
N PHE B 214 -26.35 13.91 11.08
CA PHE B 214 -26.58 14.43 12.42
C PHE B 214 -26.83 15.94 12.38
N ASN B 215 -27.48 16.42 13.43
CA ASN B 215 -27.50 17.85 13.73
C ASN B 215 -26.28 18.08 14.65
N ARG B 216 -26.09 19.26 15.24
CA ARG B 216 -24.74 19.72 15.59
C ARG B 216 -24.33 19.90 17.05
N GLY B 217 -25.24 20.11 17.98
CA GLY B 217 -24.81 20.21 19.36
C GLY B 217 -24.91 18.85 20.00
N GLU B 218 -26.04 18.25 19.69
CA GLU B 218 -26.21 16.83 19.74
C GLU B 218 -25.42 16.18 18.62
N CYS B 219 -24.27 15.60 18.99
CA CYS B 219 -23.45 14.82 18.05
C CYS B 219 -22.77 13.66 18.77
N ASP C 1 18.62 -9.36 -13.00
CA ASP C 1 19.19 -10.63 -12.46
C ASP C 1 20.33 -11.16 -13.32
N ALA C 2 20.29 -10.88 -14.61
CA ALA C 2 21.33 -11.34 -15.54
C ALA C 2 22.74 -10.91 -15.13
N GLU C 3 22.86 -9.73 -14.51
CA GLU C 3 24.18 -9.23 -14.10
C GLU C 3 24.93 -10.14 -13.12
N PHE C 4 24.19 -10.95 -12.37
CA PHE C 4 24.81 -11.84 -11.38
C PHE C 4 25.42 -13.08 -12.04
N ARG C 5 25.09 -13.33 -13.29
CA ARG C 5 25.61 -14.49 -14.01
C ARG C 5 26.61 -14.08 -15.11
N HIS C 6 26.46 -12.86 -15.62
CA HIS C 6 27.15 -12.39 -16.82
C HIS C 6 28.30 -11.48 -16.42
#